data_6DEB
#
_entry.id   6DEB
#
_cell.length_a   163.867
_cell.length_b   59.086
_cell.length_c   72.993
_cell.angle_alpha   90.00
_cell.angle_beta   100.08
_cell.angle_gamma   90.00
#
_symmetry.space_group_name_H-M   'C 1 2 1'
#
loop_
_entity.id
_entity.type
_entity.pdbx_description
1 polymer 'Bifunctional protein FolD'
2 non-polymer GUANINE
3 non-polymer 'POTASSIUM ION'
4 non-polymer GLYCEROL
5 non-polymer 'CHLORIDE ION'
6 non-polymer 2-AMINO-2-HYDROXYMETHYL-PROPANE-1,3-DIOL
7 non-polymer METHOTREXATE
8 non-polymer 2,3-DIHYDROXY-1,4-DITHIOBUTANE
9 water water
#
_entity_poly.entity_id   1
_entity_poly.type   'polypeptide(L)'
_entity_poly.pdbx_seq_one_letter_code
;SNAMTLLDGKALSAKIKEELKEKNQFLKSKGIESCLAVILVGDNPASQTYVKSKAKACEECGIKSLVYHLNENITQNELL
ALINTLNHDDSVHGILVQLPLPDHICKDLILESIISSKDVDGFHPINVGYLNLGLESGFLPCTPLGVMKLLKAYEIDLEG
KDAVIIGASNIVGRPMATMLLNAGATVSVCHIKTKDLSLYTRQADLIIVAAGCVNLLRSDMVKEGVIVVDVGINRLESGK
IVGDVDFEEVSKKSSYITPVPGGVGPMTIAMLLENTVKSAKNRLN
;
_entity_poly.pdbx_strand_id   A,B
#
# COMPACT_ATOMS: atom_id res chain seq x y z
N ASN A 2 28.04 -11.33 21.50
CA ASN A 2 28.19 -11.78 20.11
C ASN A 2 28.57 -10.63 19.18
N ALA A 3 28.96 -10.97 17.96
CA ALA A 3 29.46 -9.99 17.02
C ALA A 3 28.37 -9.04 16.56
N MET A 4 28.67 -7.74 16.56
CA MET A 4 27.76 -6.74 16.02
C MET A 4 28.44 -6.12 14.82
N THR A 5 27.67 -5.75 13.81
CA THR A 5 28.22 -5.16 12.60
C THR A 5 27.48 -3.85 12.30
N LEU A 6 28.23 -2.79 12.05
CA LEU A 6 27.62 -1.51 11.68
C LEU A 6 27.20 -1.55 10.21
N LEU A 7 25.97 -1.13 9.95
CA LEU A 7 25.46 -1.04 8.58
C LEU A 7 25.91 0.31 8.03
N ASP A 8 27.04 0.31 7.33
CA ASP A 8 27.73 1.56 6.95
C ASP A 8 27.18 2.14 5.65
N GLY A 9 26.11 2.94 5.79
CA GLY A 9 25.46 3.62 4.67
C GLY A 9 26.34 4.68 4.02
N LYS A 10 27.20 5.31 4.79
CA LYS A 10 28.07 6.35 4.23
C LYS A 10 29.02 5.75 3.19
N ALA A 11 29.71 4.67 3.57
CA ALA A 11 30.59 3.98 2.63
C ALA A 11 29.86 3.41 1.40
N LEU A 12 28.69 2.82 1.64
CA LEU A 12 27.92 2.24 0.54
C LEU A 12 27.48 3.34 -0.43
N SER A 13 26.98 4.44 0.12
N SER A 13 26.99 4.45 0.12
CA SER A 13 26.53 5.57 -0.67
CA SER A 13 26.51 5.57 -0.70
C SER A 13 27.66 6.08 -1.56
C SER A 13 27.63 6.21 -1.53
N ALA A 14 28.84 6.20 -0.99
CA ALA A 14 30.00 6.70 -1.74
C ALA A 14 30.28 5.78 -2.93
N LYS A 15 30.18 4.46 -2.70
N LYS A 15 30.17 4.47 -2.71
CA LYS A 15 30.41 3.48 -3.75
CA LYS A 15 30.44 3.52 -3.80
C LYS A 15 29.38 3.63 -4.86
C LYS A 15 29.37 3.60 -4.88
N ILE A 16 28.12 3.74 -4.46
CA ILE A 16 27.02 3.95 -5.40
C ILE A 16 27.28 5.21 -6.25
N LYS A 17 27.68 6.30 -5.59
CA LYS A 17 27.96 7.54 -6.31
C LYS A 17 29.06 7.37 -7.37
N GLU A 18 30.11 6.63 -7.02
N GLU A 18 30.11 6.61 -7.05
CA GLU A 18 31.18 6.35 -7.98
CA GLU A 18 31.14 6.33 -8.06
C GLU A 18 30.63 5.53 -9.15
C GLU A 18 30.58 5.50 -9.21
N GLU A 19 29.75 4.57 -8.85
N GLU A 19 29.74 4.52 -8.89
CA GLU A 19 29.12 3.73 -9.88
CA GLU A 19 29.07 3.71 -9.91
C GLU A 19 28.23 4.57 -10.84
C GLU A 19 28.29 4.63 -10.85
N LEU A 20 27.48 5.50 -10.27
CA LEU A 20 26.66 6.40 -11.08
C LEU A 20 27.52 7.38 -11.90
N LYS A 21 28.66 7.80 -11.35
CA LYS A 21 29.51 8.73 -12.09
C LYS A 21 30.00 8.02 -13.35
N GLU A 22 30.35 6.75 -13.22
CA GLU A 22 30.78 5.98 -14.36
C GLU A 22 29.65 5.76 -15.35
N LYS A 23 28.46 5.44 -14.87
CA LYS A 23 27.32 5.26 -15.75
C LYS A 23 27.00 6.54 -16.51
N ASN A 24 27.13 7.67 -15.83
CA ASN A 24 26.80 8.94 -16.44
C ASN A 24 27.84 9.36 -17.47
N GLN A 25 29.08 8.91 -17.31
CA GLN A 25 30.08 9.19 -18.34
C GLN A 25 29.68 8.50 -19.64
N PHE A 26 29.23 7.26 -19.53
CA PHE A 26 28.80 6.48 -20.71
C PHE A 26 27.50 7.12 -21.27
N LEU A 27 26.54 7.43 -20.41
CA LEU A 27 25.31 8.08 -20.88
C LEU A 27 25.59 9.39 -21.60
N LYS A 28 26.45 10.22 -21.01
CA LYS A 28 26.78 11.52 -21.59
C LYS A 28 27.43 11.35 -22.99
N SER A 29 28.24 10.30 -23.15
CA SER A 29 28.89 10.02 -24.43
C SER A 29 27.87 9.61 -25.49
N LYS A 30 26.66 9.26 -25.04
CA LYS A 30 25.60 8.89 -25.95
C LYS A 30 24.51 9.96 -25.98
N GLY A 31 24.86 11.16 -25.52
CA GLY A 31 23.95 12.30 -25.61
C GLY A 31 22.90 12.54 -24.53
N ILE A 32 22.98 11.79 -23.44
CA ILE A 32 22.06 11.96 -22.33
C ILE A 32 22.80 12.46 -21.10
N GLU A 33 22.43 13.64 -20.62
CA GLU A 33 22.96 14.18 -19.37
C GLU A 33 21.88 14.10 -18.30
N SER A 34 21.99 13.12 -17.41
CA SER A 34 21.01 12.91 -16.36
C SER A 34 20.80 14.21 -15.62
N CYS A 35 19.55 14.57 -15.39
CA CYS A 35 19.23 15.88 -14.84
C CYS A 35 18.08 15.79 -13.87
N LEU A 36 18.30 16.31 -12.66
CA LEU A 36 17.30 16.42 -11.60
C LEU A 36 16.90 17.88 -11.37
N ALA A 37 15.60 18.14 -11.42
CA ALA A 37 15.09 19.45 -10.97
C ALA A 37 14.60 19.32 -9.55
N VAL A 38 15.09 20.22 -8.69
CA VAL A 38 14.66 20.29 -7.29
C VAL A 38 13.94 21.60 -7.06
N ILE A 39 12.75 21.53 -6.50
CA ILE A 39 11.96 22.73 -6.21
C ILE A 39 11.87 22.95 -4.71
N LEU A 40 12.37 24.10 -4.27
CA LEU A 40 12.36 24.46 -2.87
C LEU A 40 11.49 25.71 -2.72
N VAL A 41 10.43 25.59 -1.93
CA VAL A 41 9.57 26.72 -1.64
C VAL A 41 9.87 27.27 -0.26
N GLY A 42 10.24 28.54 -0.22
CA GLY A 42 10.49 29.21 1.05
C GLY A 42 11.92 29.03 1.56
N ASP A 43 12.13 29.44 2.81
CA ASP A 43 13.49 29.48 3.37
C ASP A 43 13.70 28.70 4.68
N ASN A 44 12.91 27.63 4.87
CA ASN A 44 13.13 26.70 5.99
C ASN A 44 14.60 26.31 5.98
N PRO A 45 15.31 26.55 7.09
CA PRO A 45 16.76 26.33 7.13
C PRO A 45 17.14 24.88 6.92
N ALA A 46 16.39 23.95 7.51
CA ALA A 46 16.64 22.53 7.29
C ALA A 46 16.47 22.19 5.82
N SER A 47 15.39 22.69 5.23
CA SER A 47 15.12 22.45 3.81
C SER A 47 16.23 22.96 2.90
N GLN A 48 16.78 24.13 3.22
CA GLN A 48 17.84 24.70 2.39
C GLN A 48 19.09 23.82 2.46
N THR A 49 19.41 23.38 3.66
CA THR A 49 20.50 22.43 3.89
C THR A 49 20.32 21.14 3.10
N TYR A 50 19.13 20.55 3.19
CA TYR A 50 18.83 19.32 2.46
C TYR A 50 18.99 19.51 0.95
N VAL A 51 18.48 20.62 0.43
CA VAL A 51 18.61 20.91 -1.01
C VAL A 51 20.05 21.09 -1.45
N LYS A 52 20.83 21.85 -0.67
CA LYS A 52 22.26 21.96 -0.99
C LYS A 52 22.97 20.60 -1.01
N SER A 53 22.60 19.73 -0.07
CA SER A 53 23.14 18.36 -0.04
C SER A 53 22.82 17.57 -1.31
N LYS A 54 21.58 17.70 -1.77
CA LYS A 54 21.16 16.97 -2.96
C LYS A 54 21.90 17.52 -4.17
N ALA A 55 22.03 18.84 -4.23
CA ALA A 55 22.74 19.43 -5.37
C ALA A 55 24.22 19.03 -5.38
N LYS A 56 24.84 18.99 -4.21
CA LYS A 56 26.24 18.61 -4.13
C LYS A 56 26.41 17.16 -4.57
N ALA A 57 25.49 16.31 -4.14
CA ALA A 57 25.59 14.89 -4.49
C ALA A 57 25.43 14.68 -5.99
N CYS A 58 24.54 15.45 -6.61
CA CYS A 58 24.34 15.36 -8.07
C CYS A 58 25.65 15.69 -8.76
N GLU A 59 26.32 16.76 -8.34
CA GLU A 59 27.56 17.18 -8.98
C GLU A 59 28.65 16.10 -8.87
N GLU A 60 28.69 15.43 -7.72
CA GLU A 60 29.69 14.39 -7.48
C GLU A 60 29.55 13.19 -8.42
N CYS A 61 28.36 12.96 -8.94
CA CYS A 61 28.16 11.75 -9.78
C CYS A 61 27.71 12.06 -11.20
N GLY A 62 27.86 13.32 -11.60
CA GLY A 62 27.61 13.72 -12.98
C GLY A 62 26.17 13.99 -13.33
N ILE A 63 25.31 14.22 -12.33
CA ILE A 63 23.93 14.60 -12.60
C ILE A 63 23.83 16.12 -12.60
N LYS A 64 23.22 16.66 -13.66
CA LYS A 64 22.98 18.09 -13.72
C LYS A 64 21.84 18.42 -12.76
N SER A 65 22.02 19.40 -11.90
CA SER A 65 20.88 19.83 -11.08
C SER A 65 20.36 21.20 -11.47
N LEU A 66 19.03 21.31 -11.42
CA LEU A 66 18.35 22.59 -11.62
C LEU A 66 17.60 22.84 -10.34
N VAL A 67 18.04 23.84 -9.58
CA VAL A 67 17.40 24.16 -8.32
C VAL A 67 16.56 25.41 -8.47
N TYR A 68 15.26 25.25 -8.26
CA TYR A 68 14.30 26.35 -8.28
C TYR A 68 13.99 26.73 -6.85
N HIS A 69 14.48 27.88 -6.42
CA HIS A 69 14.20 28.36 -5.08
C HIS A 69 13.12 29.43 -5.15
N LEU A 70 11.89 29.03 -4.80
CA LEU A 70 10.71 29.89 -4.94
C LEU A 70 10.38 30.55 -3.63
N ASN A 71 9.76 31.72 -3.73
CA ASN A 71 9.36 32.47 -2.56
C ASN A 71 8.28 31.70 -1.81
N GLU A 72 8.27 31.82 -0.49
CA GLU A 72 7.25 31.10 0.30
C GLU A 72 5.84 31.54 -0.07
N ASN A 73 5.70 32.75 -0.63
CA ASN A 73 4.38 33.28 -0.95
C ASN A 73 3.88 32.96 -2.36
N ILE A 74 4.61 32.13 -3.10
CA ILE A 74 4.13 31.75 -4.43
C ILE A 74 2.81 31.00 -4.31
N THR A 75 1.97 31.12 -5.34
CA THR A 75 0.68 30.47 -5.29
C THR A 75 0.78 29.00 -5.68
N GLN A 76 -0.22 28.23 -5.27
CA GLN A 76 -0.32 26.85 -5.70
C GLN A 76 -0.30 26.77 -7.22
N ASN A 77 -0.99 27.71 -7.87
CA ASN A 77 -1.01 27.72 -9.33
C ASN A 77 0.34 27.94 -9.96
N GLU A 78 1.15 28.82 -9.36
CA GLU A 78 2.50 29.04 -9.89
C GLU A 78 3.34 27.78 -9.80
N LEU A 79 3.26 27.10 -8.66
CA LEU A 79 3.97 25.83 -8.50
C LEU A 79 3.51 24.78 -9.52
N LEU A 80 2.22 24.66 -9.73
CA LEU A 80 1.70 23.70 -10.70
C LEU A 80 2.22 24.00 -12.10
N ALA A 81 2.26 25.29 -12.42
CA ALA A 81 2.72 25.72 -13.74
C ALA A 81 4.20 25.37 -13.97
N LEU A 82 5.02 25.56 -12.94
CA LEU A 82 6.43 25.16 -13.01
C LEU A 82 6.58 23.65 -13.23
N ILE A 83 5.79 22.88 -12.50
CA ILE A 83 5.86 21.44 -12.59
C ILE A 83 5.38 21.00 -13.97
N ASN A 84 4.35 21.65 -14.49
CA ASN A 84 3.91 21.35 -15.86
C ASN A 84 5.03 21.57 -16.89
N THR A 85 5.74 22.68 -16.76
CA THR A 85 6.86 22.95 -17.66
C THR A 85 7.92 21.86 -17.56
N LEU A 86 8.31 21.54 -16.34
CA LEU A 86 9.32 20.51 -16.12
C LEU A 86 8.88 19.14 -16.62
N ASN A 87 7.59 18.85 -16.47
CA ASN A 87 7.03 17.57 -16.93
C ASN A 87 7.28 17.39 -18.40
N HIS A 88 7.24 18.50 -19.14
CA HIS A 88 7.37 18.46 -20.59
C HIS A 88 8.78 18.79 -21.14
N ASP A 89 9.72 19.04 -20.23
CA ASP A 89 11.07 19.39 -20.66
C ASP A 89 11.86 18.11 -20.79
N ASP A 90 12.17 17.71 -22.02
CA ASP A 90 12.80 16.41 -22.25
C ASP A 90 14.21 16.33 -21.66
N SER A 91 14.80 17.48 -21.35
CA SER A 91 16.14 17.48 -20.75
C SER A 91 16.10 17.26 -19.24
N VAL A 92 14.91 17.17 -18.65
CA VAL A 92 14.78 16.97 -17.21
C VAL A 92 14.26 15.56 -16.96
N HIS A 93 14.97 14.79 -16.15
CA HIS A 93 14.61 13.38 -15.93
C HIS A 93 13.94 13.11 -14.60
N GLY A 94 14.22 13.92 -13.59
CA GLY A 94 13.61 13.73 -12.29
C GLY A 94 13.11 15.09 -11.82
N ILE A 95 11.97 15.09 -11.13
CA ILE A 95 11.45 16.30 -10.50
C ILE A 95 11.18 15.95 -9.04
N LEU A 96 11.76 16.72 -8.14
CA LEU A 96 11.54 16.53 -6.70
C LEU A 96 11.04 17.86 -6.12
N VAL A 97 9.99 17.78 -5.30
CA VAL A 97 9.57 18.92 -4.51
C VAL A 97 9.97 18.74 -3.06
N GLN A 98 10.80 19.63 -2.55
CA GLN A 98 11.27 19.51 -1.19
C GLN A 98 10.12 19.75 -0.22
N LEU A 99 9.91 18.80 0.69
CA LEU A 99 8.83 18.95 1.68
C LEU A 99 9.44 19.40 3.01
N PRO A 100 8.67 20.17 3.80
CA PRO A 100 7.25 20.48 3.60
C PRO A 100 7.00 21.72 2.74
N LEU A 101 5.82 21.78 2.11
CA LEU A 101 5.32 22.99 1.47
C LEU A 101 4.60 23.94 2.44
N PRO A 102 4.45 25.22 2.06
CA PRO A 102 3.65 26.15 2.88
C PRO A 102 2.23 25.64 3.07
N ASP A 103 1.57 26.08 4.14
CA ASP A 103 0.23 25.60 4.45
C ASP A 103 -0.80 25.86 3.34
N HIS A 104 -0.62 26.94 2.59
CA HIS A 104 -1.60 27.31 1.57
C HIS A 104 -1.45 26.52 0.27
N ILE A 105 -0.53 25.56 0.25
CA ILE A 105 -0.36 24.73 -0.94
C ILE A 105 -0.70 23.26 -0.63
N CYS A 106 -1.55 22.65 -1.46
CA CYS A 106 -2.02 21.31 -1.15
C CYS A 106 -0.98 20.31 -1.60
N LYS A 107 -0.32 19.65 -0.65
CA LYS A 107 0.77 18.75 -0.97
C LYS A 107 0.34 17.61 -1.91
N ASP A 108 -0.80 16.99 -1.60
CA ASP A 108 -1.25 15.82 -2.37
C ASP A 108 -1.45 16.17 -3.84
N LEU A 109 -2.06 17.32 -4.05
CA LEU A 109 -2.30 17.81 -5.40
C LEU A 109 -0.99 18.08 -6.13
N ILE A 110 -0.04 18.69 -5.44
CA ILE A 110 1.25 19.03 -6.05
C ILE A 110 1.99 17.74 -6.43
N LEU A 111 2.06 16.80 -5.52
CA LEU A 111 2.79 15.55 -5.81
C LEU A 111 2.16 14.74 -6.95
N GLU A 112 0.83 14.72 -7.02
CA GLU A 112 0.16 13.96 -8.08
C GLU A 112 0.31 14.67 -9.44
N SER A 113 0.66 15.94 -9.39
CA SER A 113 0.85 16.71 -10.63
C SER A 113 2.19 16.45 -11.32
N ILE A 114 3.15 15.91 -10.59
CA ILE A 114 4.43 15.53 -11.20
C ILE A 114 4.19 14.35 -12.12
N ILE A 115 4.72 14.37 -13.34
CA ILE A 115 4.46 13.27 -14.24
C ILE A 115 5.12 12.02 -13.64
N SER A 116 4.40 10.89 -13.66
CA SER A 116 4.82 9.76 -12.87
C SER A 116 6.16 9.21 -13.36
N SER A 117 6.50 9.48 -14.61
CA SER A 117 7.75 9.00 -15.17
C SER A 117 8.98 9.83 -14.78
N LYS A 118 8.79 10.93 -14.03
CA LYS A 118 9.89 11.72 -13.51
C LYS A 118 9.80 11.81 -12.00
N ASP A 119 8.93 10.98 -11.42
CA ASP A 119 8.64 11.03 -9.97
C ASP A 119 9.69 10.28 -9.16
N VAL A 120 10.88 10.86 -9.06
CA VAL A 120 12.01 10.17 -8.45
C VAL A 120 11.86 9.94 -6.93
N ASP A 121 10.94 10.65 -6.27
CA ASP A 121 10.64 10.39 -4.87
C ASP A 121 9.63 9.24 -4.72
N GLY A 122 9.01 8.79 -5.81
CA GLY A 122 8.05 7.70 -5.70
C GLY A 122 6.77 8.06 -4.93
N PHE A 123 6.43 9.36 -4.89
CA PHE A 123 5.25 9.81 -4.13
C PHE A 123 3.94 9.85 -4.92
N HIS A 124 4.01 9.80 -6.25
CA HIS A 124 2.78 9.87 -7.05
C HIS A 124 1.93 8.67 -6.72
N PRO A 125 0.60 8.84 -6.58
CA PRO A 125 -0.28 7.72 -6.25
C PRO A 125 -0.09 6.49 -7.14
N ILE A 126 0.19 6.64 -8.42
CA ILE A 126 0.33 5.42 -9.25
C ILE A 126 1.61 4.67 -8.89
N ASN A 127 2.65 5.39 -8.49
CA ASN A 127 3.89 4.74 -8.06
C ASN A 127 3.74 4.07 -6.70
N VAL A 128 2.97 4.69 -5.82
CA VAL A 128 2.62 4.07 -4.54
C VAL A 128 1.83 2.79 -4.83
N GLY A 129 0.91 2.85 -5.78
CA GLY A 129 0.10 1.69 -6.15
C GLY A 129 0.94 0.56 -6.68
N TYR A 130 1.85 0.86 -7.60
CA TYR A 130 2.67 -0.20 -8.19
C TYR A 130 3.44 -0.95 -7.10
N LEU A 131 4.05 -0.19 -6.19
CA LEU A 131 4.80 -0.82 -5.08
C LEU A 131 3.90 -1.72 -4.23
N ASN A 132 2.71 -1.21 -3.90
CA ASN A 132 1.79 -1.97 -3.05
C ASN A 132 1.27 -3.22 -3.71
N LEU A 133 1.21 -3.22 -5.05
CA LEU A 133 0.83 -4.41 -5.79
C LEU A 133 1.98 -5.41 -5.94
N GLY A 134 3.16 -5.01 -5.46
N GLY A 134 3.14 -5.04 -5.41
CA GLY A 134 4.34 -5.84 -5.62
CA GLY A 134 4.29 -5.92 -5.35
C GLY A 134 4.86 -5.86 -7.05
C GLY A 134 5.20 -5.78 -6.56
N LEU A 135 4.59 -4.77 -7.78
N LEU A 135 4.92 -4.76 -7.36
CA LEU A 135 5.08 -4.62 -9.15
CA LEU A 135 5.64 -4.51 -8.61
C LEU A 135 6.42 -3.86 -9.17
C LEU A 135 6.67 -3.43 -8.33
N GLU A 136 7.10 -3.91 -10.32
N GLU A 136 7.95 -3.81 -8.35
CA GLU A 136 8.42 -3.30 -10.47
CA GLU A 136 8.99 -2.88 -7.93
C GLU A 136 8.46 -2.24 -11.58
C GLU A 136 9.83 -2.37 -9.10
N SER A 137 7.29 -1.67 -11.90
N SER A 137 9.13 -2.17 -10.23
CA SER A 137 7.14 -0.78 -13.06
CA SER A 137 9.68 -1.50 -11.41
C SER A 137 7.13 0.71 -12.69
C SER A 137 8.91 -0.20 -11.76
N GLY A 138 7.45 1.02 -11.45
N GLY A 138 8.46 0.53 -10.73
CA GLY A 138 7.48 2.41 -11.02
CA GLY A 138 7.98 1.89 -10.86
C GLY A 138 8.78 2.79 -10.33
C GLY A 138 8.96 2.68 -10.02
N PHE A 139 8.74 3.96 -9.72
CA PHE A 139 9.78 4.55 -8.87
C PHE A 139 9.43 4.25 -7.44
N LEU A 140 10.44 3.91 -6.64
CA LEU A 140 10.23 3.55 -5.23
C LEU A 140 10.75 4.67 -4.34
N PRO A 141 10.10 4.94 -3.19
CA PRO A 141 10.58 6.05 -2.35
C PRO A 141 12.00 5.84 -1.84
N CYS A 142 12.75 6.91 -1.78
CA CYS A 142 14.19 6.83 -1.61
C CYS A 142 14.62 6.33 -0.24
N THR A 143 13.93 6.73 0.82
CA THR A 143 14.38 6.27 2.14
C THR A 143 14.22 4.75 2.34
N PRO A 144 13.00 4.21 2.12
CA PRO A 144 12.89 2.75 2.29
C PRO A 144 13.71 2.00 1.25
N LEU A 145 13.81 2.51 0.03
CA LEU A 145 14.61 1.81 -0.97
C LEU A 145 16.05 1.73 -0.50
N GLY A 146 16.54 2.84 0.07
CA GLY A 146 17.91 2.87 0.53
C GLY A 146 18.16 1.90 1.68
N VAL A 147 17.16 1.75 2.53
CA VAL A 147 17.23 0.75 3.60
C VAL A 147 17.31 -0.64 3.00
N MET A 148 16.48 -0.93 1.98
CA MET A 148 16.57 -2.25 1.35
C MET A 148 17.92 -2.48 0.71
N LYS A 149 18.47 -1.45 0.07
CA LYS A 149 19.77 -1.61 -0.58
C LYS A 149 20.88 -1.84 0.45
N LEU A 150 20.78 -1.15 1.58
CA LEU A 150 21.80 -1.29 2.64
C LEU A 150 21.74 -2.71 3.21
N LEU A 151 20.54 -3.20 3.48
CA LEU A 151 20.39 -4.58 3.95
C LEU A 151 20.93 -5.59 2.96
N LYS A 152 20.66 -5.39 1.66
CA LYS A 152 21.10 -6.31 0.64
C LYS A 152 22.63 -6.30 0.50
N ALA A 153 23.23 -5.14 0.76
CA ALA A 153 24.69 -4.98 0.66
C ALA A 153 25.37 -5.88 1.70
N TYR A 154 24.63 -6.25 2.75
CA TYR A 154 25.15 -7.13 3.79
C TYR A 154 24.58 -8.56 3.68
N GLU A 155 23.86 -8.82 2.59
CA GLU A 155 23.22 -10.12 2.32
C GLU A 155 22.29 -10.59 3.43
N ILE A 156 21.52 -9.65 3.95
CA ILE A 156 20.64 -9.97 5.05
C ILE A 156 19.35 -10.59 4.47
N ASP A 157 19.08 -11.83 4.87
CA ASP A 157 17.93 -12.57 4.33
C ASP A 157 16.68 -12.12 5.08
N LEU A 158 15.71 -11.61 4.32
CA LEU A 158 14.53 -11.02 4.94
C LEU A 158 13.35 -11.98 5.00
N GLU A 159 13.35 -13.08 4.27
N GLU A 159 13.37 -13.03 4.30
CA GLU A 159 12.21 -13.95 4.24
CA GLU A 159 12.21 -13.93 4.25
C GLU A 159 11.99 -14.51 5.61
C GLU A 159 11.93 -14.51 5.61
N GLY A 160 10.73 -14.42 6.02
CA GLY A 160 10.31 -14.98 7.30
C GLY A 160 10.67 -14.14 8.51
N LYS A 161 11.43 -13.06 8.33
CA LYS A 161 11.85 -12.24 9.47
C LYS A 161 10.65 -11.55 10.08
N ASP A 162 10.65 -11.41 11.40
CA ASP A 162 9.60 -10.66 12.09
C ASP A 162 10.06 -9.22 12.15
N ALA A 163 9.46 -8.36 11.32
CA ALA A 163 9.89 -6.97 11.20
C ALA A 163 8.86 -6.05 11.83
N VAL A 164 9.37 -5.01 12.48
CA VAL A 164 8.51 -4.00 13.09
C VAL A 164 8.96 -2.67 12.51
N ILE A 165 7.99 -1.92 12.00
CA ILE A 165 8.25 -0.60 11.45
C ILE A 165 7.56 0.37 12.38
N ILE A 166 8.34 1.28 12.98
CA ILE A 166 7.76 2.26 13.90
C ILE A 166 7.60 3.57 13.15
N GLY A 167 6.35 3.93 12.88
CA GLY A 167 6.05 5.12 12.10
C GLY A 167 5.31 4.70 10.84
N ALA A 168 4.22 5.37 10.54
CA ALA A 168 3.39 4.98 9.39
C ALA A 168 3.24 6.11 8.37
N SER A 169 4.32 6.88 8.16
CA SER A 169 4.28 8.00 7.23
C SER A 169 4.27 7.52 5.78
N ASN A 170 3.90 8.40 4.86
CA ASN A 170 3.92 8.06 3.43
C ASN A 170 5.35 8.12 2.89
N ILE A 171 6.18 8.94 3.52
CA ILE A 171 7.57 9.09 3.06
C ILE A 171 8.45 7.91 3.42
N VAL A 172 8.23 7.32 4.60
CA VAL A 172 9.05 6.20 5.06
C VAL A 172 8.27 4.97 5.49
N GLY A 173 7.46 5.06 6.54
CA GLY A 173 6.94 3.86 7.18
C GLY A 173 6.09 2.93 6.30
N ARG A 174 5.11 3.49 5.61
CA ARG A 174 4.23 2.66 4.79
C ARG A 174 4.97 1.99 3.63
N PRO A 175 5.73 2.76 2.82
CA PRO A 175 6.47 2.02 1.78
C PRO A 175 7.51 1.07 2.34
N MET A 176 8.07 1.39 3.50
CA MET A 176 9.06 0.48 4.12
C MET A 176 8.42 -0.88 4.42
N ALA A 177 7.26 -0.84 5.06
CA ALA A 177 6.55 -2.06 5.42
C ALA A 177 6.20 -2.84 4.17
N THR A 178 5.80 -2.14 3.13
CA THR A 178 5.42 -2.79 1.88
C THR A 178 6.66 -3.46 1.23
N MET A 179 7.80 -2.79 1.24
CA MET A 179 9.00 -3.41 0.64
C MET A 179 9.41 -4.63 1.43
N LEU A 180 9.29 -4.55 2.76
CA LEU A 180 9.65 -5.72 3.57
C LEU A 180 8.69 -6.88 3.34
N LEU A 181 7.41 -6.57 3.17
CA LEU A 181 6.42 -7.60 2.95
C LEU A 181 6.67 -8.24 1.58
N ASN A 182 7.03 -7.42 0.60
CA ASN A 182 7.37 -7.88 -0.74
C ASN A 182 8.54 -8.84 -0.71
N ALA A 183 9.44 -8.60 0.26
CA ALA A 183 10.65 -9.41 0.41
C ALA A 183 10.39 -10.66 1.22
N GLY A 184 9.16 -10.83 1.71
CA GLY A 184 8.83 -12.06 2.42
C GLY A 184 8.87 -11.98 3.95
N ALA A 185 9.06 -10.78 4.48
CA ALA A 185 9.04 -10.58 5.93
C ALA A 185 7.59 -10.53 6.43
N THR A 186 7.41 -10.86 7.71
CA THR A 186 6.16 -10.59 8.42
C THR A 186 6.33 -9.20 8.93
N VAL A 187 5.33 -8.34 8.71
CA VAL A 187 5.49 -6.92 9.07
C VAL A 187 4.43 -6.44 10.04
N SER A 188 4.89 -5.67 11.03
CA SER A 188 3.99 -4.99 11.96
C SER A 188 4.26 -3.51 11.82
N VAL A 189 3.21 -2.71 11.71
CA VAL A 189 3.38 -1.28 11.62
C VAL A 189 2.81 -0.64 12.88
N CYS A 190 3.70 -0.01 13.64
CA CYS A 190 3.35 0.64 14.90
C CYS A 190 3.40 2.15 14.73
N HIS A 191 2.72 2.87 15.62
CA HIS A 191 2.59 4.31 15.47
C HIS A 191 2.13 4.89 16.80
N ILE A 192 1.70 6.14 16.80
CA ILE A 192 1.40 6.86 18.03
C ILE A 192 0.18 6.27 18.78
N LYS A 193 -0.64 5.49 18.09
CA LYS A 193 -1.84 4.93 18.71
C LYS A 193 -1.63 3.49 19.20
N THR A 194 -0.45 2.95 18.95
CA THR A 194 -0.09 1.61 19.40
C THR A 194 -0.07 1.58 20.93
N LYS A 195 -0.78 0.62 21.50
CA LYS A 195 -0.89 0.52 22.96
C LYS A 195 0.41 0.17 23.66
N ASP A 196 1.13 -0.80 23.12
CA ASP A 196 2.35 -1.27 23.77
C ASP A 196 3.40 -1.58 22.73
N LEU A 197 4.18 -0.57 22.38
CA LEU A 197 5.22 -0.73 21.37
C LEU A 197 6.23 -1.85 21.70
N SER A 198 6.59 -1.95 22.97
N SER A 198 6.58 -1.95 22.97
CA SER A 198 7.58 -2.94 23.37
CA SER A 198 7.56 -2.93 23.41
C SER A 198 7.13 -4.38 23.19
C SER A 198 7.13 -4.38 23.17
N LEU A 199 5.83 -4.62 23.23
CA LEU A 199 5.29 -5.96 22.92
C LEU A 199 5.75 -6.39 21.52
N TYR A 200 5.76 -5.45 20.59
CA TYR A 200 6.15 -5.75 19.22
C TYR A 200 7.68 -5.78 19.05
N THR A 201 8.36 -4.80 19.64
CA THR A 201 9.80 -4.70 19.41
C THR A 201 10.56 -5.83 20.08
N ARG A 202 10.08 -6.29 21.24
CA ARG A 202 10.80 -7.34 21.97
C ARG A 202 10.89 -8.66 21.20
N GLN A 203 9.97 -8.87 20.25
CA GLN A 203 9.92 -10.10 19.48
C GLN A 203 10.55 -9.94 18.09
N ALA A 204 10.96 -8.73 17.75
CA ALA A 204 11.37 -8.44 16.37
C ALA A 204 12.77 -8.96 16.01
N ASP A 205 12.89 -9.49 14.79
CA ASP A 205 14.22 -9.75 14.22
C ASP A 205 14.81 -8.49 13.58
N LEU A 206 13.94 -7.57 13.18
CA LEU A 206 14.33 -6.39 12.41
C LEU A 206 13.39 -5.28 12.84
N ILE A 207 13.97 -4.14 13.20
CA ILE A 207 13.19 -2.97 13.59
C ILE A 207 13.62 -1.77 12.76
N ILE A 208 12.68 -1.13 12.08
CA ILE A 208 12.98 0.10 11.39
C ILE A 208 12.33 1.23 12.20
N VAL A 209 13.14 2.18 12.67
CA VAL A 209 12.61 3.25 13.50
C VAL A 209 12.60 4.58 12.75
N ALA A 210 11.41 5.15 12.59
CA ALA A 210 11.24 6.42 11.90
C ALA A 210 10.18 7.23 12.65
N ALA A 211 10.47 7.55 13.90
CA ALA A 211 9.49 8.14 14.78
C ALA A 211 9.81 9.59 15.15
N GLY A 212 11.08 9.96 15.00
CA GLY A 212 11.50 11.32 15.33
C GLY A 212 11.44 11.57 16.83
N CYS A 213 11.93 10.63 17.61
CA CYS A 213 11.93 10.78 19.06
C CYS A 213 13.22 10.20 19.64
N VAL A 214 14.01 11.04 20.31
CA VAL A 214 15.29 10.62 20.88
C VAL A 214 15.07 9.50 21.91
N ASN A 215 15.85 8.44 21.80
CA ASN A 215 15.81 7.29 22.71
C ASN A 215 14.48 6.56 22.79
N LEU A 216 13.74 6.58 21.69
CA LEU A 216 12.50 5.82 21.63
C LEU A 216 12.76 4.34 21.78
N LEU A 217 13.75 3.82 21.07
CA LEU A 217 14.07 2.40 21.14
C LEU A 217 15.21 2.17 22.14
N ARG A 218 14.89 1.47 23.22
CA ARG A 218 15.82 1.24 24.33
C ARG A 218 16.23 -0.22 24.34
N SER A 219 17.31 -0.54 25.05
CA SER A 219 17.81 -1.90 25.04
C SER A 219 16.81 -2.89 25.62
N ASP A 220 16.02 -2.48 26.63
CA ASP A 220 15.05 -3.44 27.18
C ASP A 220 13.85 -3.69 26.26
N MET A 221 13.85 -3.05 25.09
CA MET A 221 12.76 -3.23 24.13
C MET A 221 13.13 -4.17 23.00
N VAL A 222 14.36 -4.68 23.00
CA VAL A 222 14.81 -5.56 21.91
C VAL A 222 15.38 -6.87 22.41
N LYS A 223 15.45 -7.86 21.53
CA LYS A 223 16.05 -9.12 21.88
C LYS A 223 17.47 -9.19 21.31
N GLU A 224 18.28 -10.07 21.89
CA GLU A 224 19.63 -10.31 21.40
C GLU A 224 19.59 -10.70 19.93
N GLY A 225 20.46 -10.08 19.13
CA GLY A 225 20.60 -10.43 17.72
C GLY A 225 19.74 -9.63 16.77
N VAL A 226 18.94 -8.70 17.32
CA VAL A 226 18.05 -7.86 16.51
C VAL A 226 18.85 -7.07 15.46
N ILE A 227 18.24 -6.81 14.30
CA ILE A 227 18.78 -5.85 13.34
C ILE A 227 18.03 -4.52 13.45
N VAL A 228 18.77 -3.42 13.64
CA VAL A 228 18.12 -2.14 13.95
C VAL A 228 18.50 -1.10 12.90
N VAL A 229 17.50 -0.51 12.27
CA VAL A 229 17.68 0.53 11.24
C VAL A 229 17.06 1.81 11.76
N ASP A 230 17.89 2.84 11.90
CA ASP A 230 17.49 4.08 12.56
C ASP A 230 17.38 5.20 11.52
N VAL A 231 16.14 5.56 11.19
CA VAL A 231 15.88 6.61 10.22
C VAL A 231 15.86 8.01 10.85
N GLY A 232 15.91 8.08 12.18
CA GLY A 232 15.87 9.38 12.84
C GLY A 232 17.12 10.22 12.66
N ILE A 233 16.92 11.53 12.57
CA ILE A 233 18.02 12.47 12.60
C ILE A 233 17.59 13.62 13.51
N ASN A 234 18.01 13.53 14.77
CA ASN A 234 17.58 14.46 15.80
C ASN A 234 18.79 15.23 16.33
N ARG A 235 18.69 16.55 16.38
CA ARG A 235 19.82 17.35 16.87
C ARG A 235 19.62 17.70 18.34
N LEU A 236 20.55 17.26 19.18
CA LEU A 236 20.51 17.51 20.62
C LEU A 236 20.84 18.96 20.97
N GLU A 237 20.53 19.36 22.20
CA GLU A 237 20.93 20.67 22.74
C GLU A 237 22.44 20.87 22.54
N SER A 238 23.20 19.82 22.82
CA SER A 238 24.66 19.86 22.67
C SER A 238 25.07 20.11 21.22
N GLY A 239 24.21 19.73 20.28
CA GLY A 239 24.47 19.93 18.87
C GLY A 239 24.73 18.60 18.18
N LYS A 240 25.06 17.58 18.98
CA LYS A 240 25.30 16.25 18.47
C LYS A 240 24.05 15.70 17.80
N ILE A 241 24.22 15.08 16.65
CA ILE A 241 23.10 14.45 15.95
C ILE A 241 22.96 13.01 16.40
N VAL A 242 21.74 12.59 16.73
CA VAL A 242 21.46 11.21 17.07
C VAL A 242 20.22 10.73 16.36
N GLY A 243 19.94 9.42 16.41
CA GLY A 243 18.75 8.89 15.81
C GLY A 243 17.62 8.77 16.82
N ASP A 244 16.71 7.85 16.54
CA ASP A 244 15.62 7.53 17.47
C ASP A 244 15.98 6.37 18.40
N VAL A 245 17.15 5.77 18.16
CA VAL A 245 17.58 4.61 18.94
C VAL A 245 18.60 5.02 19.99
N ASP A 246 18.52 4.44 21.18
CA ASP A 246 19.57 4.58 22.19
C ASP A 246 20.75 3.74 21.72
N PHE A 247 21.59 4.31 20.86
CA PHE A 247 22.59 3.51 20.15
C PHE A 247 23.59 2.85 21.10
N GLU A 248 24.07 3.58 22.10
CA GLU A 248 25.09 3.02 23.02
C GLU A 248 24.65 1.68 23.62
N GLU A 249 23.37 1.58 24.01
CA GLU A 249 22.90 0.37 24.69
C GLU A 249 22.32 -0.66 23.72
N VAL A 250 21.55 -0.21 22.74
CA VAL A 250 20.92 -1.12 21.80
C VAL A 250 21.96 -1.83 20.93
N SER A 251 23.03 -1.12 20.58
CA SER A 251 24.09 -1.70 19.75
C SER A 251 24.75 -2.92 20.39
N LYS A 252 24.76 -2.98 21.73
CA LYS A 252 25.33 -4.11 22.45
C LYS A 252 24.57 -5.40 22.22
N LYS A 253 23.31 -5.28 21.80
CA LYS A 253 22.42 -6.44 21.65
C LYS A 253 22.10 -6.71 20.20
N SER A 254 22.66 -5.91 19.29
CA SER A 254 22.26 -5.98 17.89
C SER A 254 23.25 -6.83 17.08
N SER A 255 22.73 -7.58 16.11
CA SER A 255 23.62 -8.25 15.17
C SER A 255 24.07 -7.25 14.09
N TYR A 256 23.16 -6.39 13.66
CA TYR A 256 23.47 -5.30 12.72
C TYR A 256 22.72 -4.05 13.17
N ILE A 257 23.37 -2.89 13.06
CA ILE A 257 22.73 -1.63 13.44
C ILE A 257 23.32 -0.49 12.62
N THR A 258 22.44 0.41 12.16
CA THR A 258 22.87 1.63 11.46
C THR A 258 23.29 2.68 12.47
N PRO A 259 24.48 3.23 12.28
CA PRO A 259 24.85 4.39 13.10
C PRO A 259 24.09 5.61 12.62
N VAL A 260 24.00 6.62 13.48
CA VAL A 260 23.55 7.96 13.08
C VAL A 260 24.56 8.99 13.64
N PRO A 261 25.11 9.86 12.77
CA PRO A 261 24.88 9.91 11.32
C PRO A 261 25.62 8.79 10.61
N GLY A 262 25.45 8.71 9.31
CA GLY A 262 26.24 7.79 8.49
C GLY A 262 25.59 6.46 8.19
N GLY A 263 24.29 6.32 8.44
CA GLY A 263 23.57 5.10 8.12
C GLY A 263 22.58 5.31 7.00
N VAL A 264 21.33 5.53 7.37
CA VAL A 264 20.24 5.69 6.41
C VAL A 264 20.36 6.98 5.59
N GLY A 265 20.77 8.06 6.24
CA GLY A 265 20.85 9.37 5.61
C GLY A 265 21.53 9.41 4.25
N PRO A 266 22.78 8.92 4.18
CA PRO A 266 23.51 8.91 2.91
C PRO A 266 22.85 8.02 1.85
N MET A 267 22.19 6.94 2.29
CA MET A 267 21.54 6.04 1.33
C MET A 267 20.32 6.69 0.70
N THR A 268 19.62 7.55 1.47
CA THR A 268 18.42 8.18 0.93
C THR A 268 18.81 9.05 -0.24
N ILE A 269 19.90 9.80 -0.08
CA ILE A 269 20.39 10.63 -1.17
C ILE A 269 20.88 9.77 -2.33
N ALA A 270 21.58 8.68 -2.03
CA ALA A 270 22.09 7.84 -3.11
C ALA A 270 20.92 7.30 -3.95
N MET A 271 19.80 6.99 -3.31
CA MET A 271 18.68 6.43 -4.07
C MET A 271 18.02 7.49 -4.95
N LEU A 272 18.03 8.72 -4.50
CA LEU A 272 17.51 9.83 -5.31
C LEU A 272 18.32 9.92 -6.60
N LEU A 273 19.64 9.79 -6.47
CA LEU A 273 20.52 9.88 -7.62
C LEU A 273 20.30 8.67 -8.51
N GLU A 274 20.18 7.49 -7.91
CA GLU A 274 19.96 6.28 -8.68
C GLU A 274 18.65 6.37 -9.47
N ASN A 275 17.59 6.87 -8.81
CA ASN A 275 16.28 6.97 -9.46
C ASN A 275 16.34 7.96 -10.60
N THR A 276 17.14 9.01 -10.44
CA THR A 276 17.28 10.01 -11.50
C THR A 276 17.98 9.39 -12.72
N VAL A 277 19.07 8.67 -12.48
CA VAL A 277 19.80 8.05 -13.59
C VAL A 277 18.93 6.97 -14.27
N LYS A 278 18.17 6.25 -13.46
CA LYS A 278 17.22 5.26 -14.02
C LYS A 278 16.25 5.92 -15.00
N SER A 279 15.73 7.10 -14.62
CA SER A 279 14.81 7.82 -15.50
C SER A 279 15.50 8.30 -16.80
N ALA A 280 16.72 8.81 -16.66
CA ALA A 280 17.49 9.25 -17.82
C ALA A 280 17.75 8.09 -18.78
N LYS A 281 18.11 6.94 -18.22
CA LYS A 281 18.45 5.74 -19.02
C LYS A 281 17.22 5.25 -19.81
N ASN A 282 16.03 5.43 -19.21
N ASN A 282 16.03 5.44 -19.25
CA ASN A 282 14.77 5.11 -19.87
CA ASN A 282 14.82 5.03 -19.96
C ASN A 282 14.54 5.91 -21.15
C ASN A 282 14.36 6.03 -21.04
N ARG A 283 15.13 7.11 -21.23
CA ARG A 283 14.89 8.05 -22.33
C ARG A 283 15.76 7.78 -23.57
N LEU A 284 16.65 6.80 -23.48
CA LEU A 284 17.47 6.40 -24.63
C LEU A 284 16.60 5.97 -25.80
N ASN A 285 17.02 6.37 -27.01
CA ASN A 285 16.31 6.01 -28.23
C ASN A 285 16.35 4.51 -28.50
N ASN B 2 -18.46 -13.98 28.39
CA ASN B 2 -18.06 -14.65 27.16
C ASN B 2 -19.13 -14.59 26.07
N ALA B 3 -20.10 -13.70 26.24
CA ALA B 3 -21.23 -13.56 25.31
C ALA B 3 -20.79 -13.25 23.86
N MET B 4 -20.85 -14.25 22.98
CA MET B 4 -20.41 -14.06 21.60
C MET B 4 -21.50 -13.44 20.74
N THR B 5 -21.11 -12.57 19.82
CA THR B 5 -22.06 -11.94 18.92
C THR B 5 -21.67 -12.25 17.49
N LEU B 6 -22.62 -12.74 16.69
CA LEU B 6 -22.31 -13.01 15.28
C LEU B 6 -22.28 -11.71 14.49
N LEU B 7 -21.25 -11.54 13.66
CA LEU B 7 -21.18 -10.43 12.71
C LEU B 7 -21.98 -10.82 11.48
N ASP B 8 -23.23 -10.38 11.43
CA ASP B 8 -24.19 -10.92 10.47
C ASP B 8 -24.15 -10.13 9.16
N GLY B 9 -23.22 -10.50 8.27
CA GLY B 9 -23.03 -9.78 7.02
C GLY B 9 -24.20 -9.99 6.08
N LYS B 10 -24.89 -11.12 6.21
CA LYS B 10 -26.09 -11.38 5.42
C LYS B 10 -27.12 -10.29 5.72
N ALA B 11 -27.42 -10.10 7.00
CA ALA B 11 -28.41 -9.10 7.37
C ALA B 11 -28.00 -7.67 7.01
N LEU B 12 -26.74 -7.34 7.20
CA LEU B 12 -26.25 -5.99 6.87
C LEU B 12 -26.31 -5.75 5.36
N SER B 13 -25.93 -6.77 4.60
N SER B 13 -25.94 -6.77 4.59
CA SER B 13 -25.99 -6.71 3.15
CA SER B 13 -25.98 -6.66 3.14
C SER B 13 -27.41 -6.41 2.67
C SER B 13 -27.42 -6.43 2.65
N ALA B 14 -28.38 -7.05 3.32
CA ALA B 14 -29.79 -6.84 2.95
C ALA B 14 -30.19 -5.39 3.21
N LYS B 15 -29.72 -4.83 4.33
CA LYS B 15 -30.05 -3.45 4.68
C LYS B 15 -29.43 -2.50 3.66
N ILE B 16 -28.17 -2.76 3.28
CA ILE B 16 -27.48 -1.96 2.28
C ILE B 16 -28.21 -2.00 0.93
N LYS B 17 -28.65 -3.18 0.52
CA LYS B 17 -29.36 -3.29 -0.76
C LYS B 17 -30.64 -2.45 -0.76
N GLU B 18 -31.33 -2.40 0.38
CA GLU B 18 -32.53 -1.55 0.50
C GLU B 18 -32.16 -0.09 0.34
N GLU B 19 -31.05 0.29 0.97
N GLU B 19 -31.04 0.29 0.96
CA GLU B 19 -30.55 1.66 0.86
CA GLU B 19 -30.54 1.65 0.87
C GLU B 19 -30.21 2.02 -0.58
C GLU B 19 -30.21 2.02 -0.58
N LEU B 20 -29.58 1.09 -1.29
CA LEU B 20 -29.20 1.33 -2.68
C LEU B 20 -30.42 1.38 -3.59
N LYS B 21 -31.44 0.60 -3.27
CA LYS B 21 -32.64 0.59 -4.09
C LYS B 21 -33.25 2.00 -4.04
N GLU B 22 -33.31 2.60 -2.86
N GLU B 22 -33.32 2.61 -2.86
CA GLU B 22 -33.78 3.98 -2.72
CA GLU B 22 -33.77 4.00 -2.73
C GLU B 22 -32.87 5.00 -3.44
C GLU B 22 -32.87 5.01 -3.45
N LYS B 23 -31.57 4.84 -3.32
CA LYS B 23 -30.64 5.75 -4.02
C LYS B 23 -30.82 5.67 -5.52
N ASN B 24 -31.06 4.47 -6.01
CA ASN B 24 -31.21 4.26 -7.43
C ASN B 24 -32.52 4.84 -7.97
N GLN B 25 -33.56 4.82 -7.13
CA GLN B 25 -34.81 5.47 -7.54
C GLN B 25 -34.57 6.96 -7.70
N PHE B 26 -33.80 7.54 -6.80
CA PHE B 26 -33.48 8.96 -6.92
C PHE B 26 -32.64 9.21 -8.19
N LEU B 27 -31.60 8.42 -8.37
CA LEU B 27 -30.72 8.61 -9.53
C LEU B 27 -31.49 8.49 -10.83
N LYS B 28 -32.40 7.52 -10.88
CA LYS B 28 -33.17 7.30 -12.11
C LYS B 28 -34.05 8.51 -12.40
N SER B 29 -34.52 9.18 -11.34
CA SER B 29 -35.40 10.34 -11.52
C SER B 29 -34.60 11.50 -12.10
N LYS B 30 -33.28 11.43 -11.93
CA LYS B 30 -32.36 12.41 -12.50
C LYS B 30 -31.79 11.92 -13.84
N GLY B 31 -32.31 10.82 -14.37
CA GLY B 31 -31.85 10.30 -15.65
C GLY B 31 -30.57 9.48 -15.62
N ILE B 32 -30.18 9.00 -14.43
CA ILE B 32 -29.00 8.19 -14.28
C ILE B 32 -29.45 6.79 -13.89
N GLU B 33 -29.16 5.83 -14.77
CA GLU B 33 -29.45 4.43 -14.51
C GLU B 33 -28.12 3.72 -14.20
N SER B 34 -27.86 3.51 -12.91
CA SER B 34 -26.61 2.88 -12.45
C SER B 34 -26.42 1.59 -13.21
N CYS B 35 -25.21 1.39 -13.72
CA CYS B 35 -24.98 0.25 -14.58
C CYS B 35 -23.57 -0.32 -14.36
N LEU B 36 -23.54 -1.63 -14.11
CA LEU B 36 -22.29 -2.38 -13.91
C LEU B 36 -22.09 -3.30 -15.09
N ALA B 37 -20.93 -3.20 -15.74
CA ALA B 37 -20.55 -4.18 -16.77
C ALA B 37 -19.64 -5.22 -16.13
N VAL B 38 -19.96 -6.49 -16.38
CA VAL B 38 -19.18 -7.61 -15.84
C VAL B 38 -18.64 -8.39 -17.00
N ILE B 39 -17.32 -8.61 -17.02
CA ILE B 39 -16.70 -9.39 -18.10
C ILE B 39 -16.31 -10.75 -17.56
N LEU B 40 -16.87 -11.79 -18.18
CA LEU B 40 -16.59 -13.17 -17.80
C LEU B 40 -15.89 -13.79 -18.98
N VAL B 41 -14.70 -14.34 -18.76
CA VAL B 41 -13.93 -14.95 -19.84
C VAL B 41 -13.94 -16.46 -19.65
N GLY B 42 -14.42 -17.20 -20.66
CA GLY B 42 -14.37 -18.65 -20.58
C GLY B 42 -15.55 -19.25 -19.82
N ASP B 43 -15.30 -20.46 -19.31
N ASP B 43 -15.45 -20.52 -19.42
CA ASP B 43 -16.37 -21.37 -18.88
CA ASP B 43 -16.59 -21.17 -18.74
C ASP B 43 -16.18 -21.93 -17.46
C ASP B 43 -16.25 -21.88 -17.43
N ASN B 44 -15.38 -21.27 -16.62
CA ASN B 44 -15.18 -21.71 -15.25
C ASN B 44 -16.56 -21.77 -14.57
N PRO B 45 -16.96 -22.95 -14.08
CA PRO B 45 -18.31 -23.16 -13.53
C PRO B 45 -18.63 -22.28 -12.33
N ALA B 46 -17.68 -22.11 -11.41
CA ALA B 46 -17.88 -21.27 -10.24
C ALA B 46 -18.08 -19.84 -10.68
N SER B 47 -17.27 -19.44 -11.66
CA SER B 47 -17.31 -18.07 -12.13
C SER B 47 -18.69 -17.77 -12.70
N GLN B 48 -19.25 -18.72 -13.44
CA GLN B 48 -20.59 -18.53 -13.99
C GLN B 48 -21.58 -18.24 -12.88
N THR B 49 -21.50 -19.07 -11.85
CA THR B 49 -22.41 -18.95 -10.73
C THR B 49 -22.22 -17.62 -10.00
N TYR B 50 -20.98 -17.25 -9.72
CA TYR B 50 -20.74 -15.97 -9.05
C TYR B 50 -21.24 -14.78 -9.85
N VAL B 51 -21.03 -14.80 -11.17
CA VAL B 51 -21.47 -13.68 -11.99
C VAL B 51 -23.00 -13.62 -11.98
N LYS B 52 -23.65 -14.78 -12.03
CA LYS B 52 -25.11 -14.80 -12.00
C LYS B 52 -25.59 -14.18 -10.67
N SER B 53 -24.91 -14.50 -9.58
N SER B 53 -24.91 -14.51 -9.58
CA SER B 53 -25.27 -13.95 -8.28
CA SER B 53 -25.27 -13.94 -8.28
C SER B 53 -25.09 -12.43 -8.23
C SER B 53 -25.10 -12.42 -8.26
N LYS B 54 -24.03 -11.95 -8.87
CA LYS B 54 -23.76 -10.51 -8.92
C LYS B 54 -24.85 -9.83 -9.75
N ALA B 55 -25.20 -10.41 -10.89
CA ALA B 55 -26.27 -9.84 -11.74
C ALA B 55 -27.60 -9.78 -11.03
N LYS B 56 -27.92 -10.84 -10.29
CA LYS B 56 -29.16 -10.91 -9.56
C LYS B 56 -29.19 -9.85 -8.46
N ALA B 57 -28.06 -9.67 -7.78
CA ALA B 57 -27.95 -8.66 -6.74
C ALA B 57 -28.13 -7.25 -7.34
N CYS B 58 -27.61 -7.03 -8.55
CA CYS B 58 -27.78 -5.73 -9.24
C CYS B 58 -29.25 -5.46 -9.51
N GLU B 59 -29.94 -6.45 -10.07
N GLU B 59 -29.94 -6.45 -10.08
CA GLU B 59 -31.35 -6.31 -10.39
CA GLU B 59 -31.38 -6.30 -10.37
C GLU B 59 -32.23 -6.04 -9.15
C GLU B 59 -32.17 -5.95 -9.12
N GLU B 60 -31.86 -6.64 -8.02
CA GLU B 60 -32.60 -6.46 -6.78
C GLU B 60 -32.52 -5.05 -6.21
N CYS B 61 -31.47 -4.31 -6.55
CA CYS B 61 -31.29 -2.98 -5.95
C CYS B 61 -31.32 -1.87 -6.97
N GLY B 62 -31.73 -2.20 -8.19
CA GLY B 62 -31.97 -1.20 -9.22
C GLY B 62 -30.78 -0.84 -10.09
N ILE B 63 -29.74 -1.68 -10.08
CA ILE B 63 -28.58 -1.50 -10.95
C ILE B 63 -28.75 -2.33 -12.23
N LYS B 64 -28.51 -1.71 -13.37
CA LYS B 64 -28.57 -2.41 -14.65
C LYS B 64 -27.30 -3.20 -14.80
N SER B 65 -27.40 -4.49 -15.11
CA SER B 65 -26.16 -5.24 -15.33
C SER B 65 -26.00 -5.64 -16.79
N LEU B 66 -24.76 -5.59 -17.26
CA LEU B 66 -24.40 -6.03 -18.60
C LEU B 66 -23.34 -7.06 -18.45
N VAL B 67 -23.65 -8.30 -18.81
CA VAL B 67 -22.65 -9.36 -18.71
C VAL B 67 -22.13 -9.70 -20.09
N TYR B 68 -20.81 -9.63 -20.23
CA TYR B 68 -20.15 -9.93 -21.49
C TYR B 68 -19.52 -11.30 -21.35
N HIS B 69 -19.95 -12.26 -22.17
CA HIS B 69 -19.44 -13.63 -22.09
C HIS B 69 -18.40 -13.82 -23.18
N LEU B 70 -17.11 -13.77 -22.85
CA LEU B 70 -16.08 -13.88 -23.88
C LEU B 70 -15.51 -15.30 -23.97
N ASN B 71 -15.01 -15.65 -25.14
CA ASN B 71 -14.41 -16.97 -25.34
C ASN B 71 -13.16 -17.18 -24.47
N GLU B 72 -12.98 -18.39 -23.98
CA GLU B 72 -11.78 -18.74 -23.20
C GLU B 72 -10.49 -18.45 -23.98
N ASN B 73 -10.57 -18.48 -25.31
CA ASN B 73 -9.39 -18.31 -26.15
C ASN B 73 -9.14 -16.89 -26.65
N ILE B 74 -9.86 -15.95 -26.07
CA ILE B 74 -9.74 -14.54 -26.45
C ILE B 74 -8.29 -14.09 -26.29
N THR B 75 -7.76 -13.33 -27.25
CA THR B 75 -6.43 -12.76 -27.02
C THR B 75 -6.48 -11.62 -26.01
N GLN B 76 -5.31 -11.29 -25.48
CA GLN B 76 -5.23 -10.25 -24.46
C GLN B 76 -5.65 -8.93 -25.07
N ASN B 77 -5.21 -8.66 -26.30
CA ASN B 77 -5.58 -7.37 -26.92
C ASN B 77 -7.08 -7.27 -27.19
N GLU B 78 -7.72 -8.40 -27.49
CA GLU B 78 -9.17 -8.39 -27.70
C GLU B 78 -9.93 -8.03 -26.42
N LEU B 79 -9.44 -8.54 -25.30
CA LEU B 79 -10.03 -8.21 -24.00
C LEU B 79 -9.83 -6.72 -23.71
N LEU B 80 -8.62 -6.23 -24.02
CA LEU B 80 -8.34 -4.82 -23.83
C LEU B 80 -9.23 -3.94 -24.69
N ALA B 81 -9.57 -4.41 -25.89
CA ALA B 81 -10.41 -3.62 -26.76
C ALA B 81 -11.82 -3.47 -26.19
N LEU B 82 -12.35 -4.54 -25.58
CA LEU B 82 -13.67 -4.46 -24.96
C LEU B 82 -13.64 -3.49 -23.80
N ILE B 83 -12.59 -3.57 -22.99
CA ILE B 83 -12.47 -2.67 -21.84
C ILE B 83 -12.39 -1.24 -22.31
N ASN B 84 -11.66 -1.01 -23.39
CA ASN B 84 -11.61 0.33 -23.97
C ASN B 84 -12.98 0.84 -24.35
N THR B 85 -13.78 -0.03 -24.97
CA THR B 85 -15.16 0.36 -25.31
C THR B 85 -15.98 0.75 -24.08
N LEU B 86 -15.90 -0.10 -23.05
CA LEU B 86 -16.66 0.13 -21.83
C LEU B 86 -16.16 1.39 -21.11
N ASN B 87 -14.86 1.64 -21.17
CA ASN B 87 -14.30 2.84 -20.55
C ASN B 87 -14.92 4.12 -21.12
N HIS B 88 -15.26 4.10 -22.41
CA HIS B 88 -15.77 5.26 -23.10
C HIS B 88 -17.30 5.29 -23.18
N ASP B 89 -17.96 4.28 -22.64
CA ASP B 89 -19.42 4.19 -22.70
C ASP B 89 -20.00 4.93 -21.52
N ASP B 90 -20.58 6.11 -21.77
CA ASP B 90 -21.05 6.95 -20.66
C ASP B 90 -22.18 6.29 -19.89
N SER B 91 -22.83 5.31 -20.50
CA SER B 91 -23.95 4.65 -19.82
C SER B 91 -23.48 3.57 -18.83
N VAL B 92 -22.16 3.29 -18.82
CA VAL B 92 -21.60 2.28 -17.92
C VAL B 92 -20.83 2.95 -16.78
N HIS B 93 -21.18 2.64 -15.54
CA HIS B 93 -20.54 3.29 -14.39
C HIS B 93 -19.47 2.45 -13.71
N GLY B 94 -19.58 1.13 -13.81
CA GLY B 94 -18.60 0.25 -13.21
C GLY B 94 -18.22 -0.84 -14.17
N ILE B 95 -16.96 -1.23 -14.14
CA ILE B 95 -16.47 -2.33 -14.98
C ILE B 95 -15.77 -3.30 -14.05
N LEU B 96 -16.24 -4.55 -14.06
CA LEU B 96 -15.61 -5.61 -13.25
C LEU B 96 -15.19 -6.73 -14.16
N VAL B 97 -13.94 -7.18 -14.01
CA VAL B 97 -13.48 -8.34 -14.73
C VAL B 97 -13.52 -9.51 -13.74
N GLN B 98 -14.34 -10.52 -14.02
CA GLN B 98 -14.44 -11.65 -13.11
C GLN B 98 -13.15 -12.48 -13.09
N LEU B 99 -12.57 -12.64 -11.90
CA LEU B 99 -11.37 -13.45 -11.76
C LEU B 99 -11.74 -14.88 -11.36
N PRO B 100 -10.90 -15.87 -11.73
CA PRO B 100 -9.63 -15.74 -12.47
C PRO B 100 -9.83 -15.66 -13.96
N LEU B 101 -8.93 -14.91 -14.60
CA LEU B 101 -8.80 -14.94 -16.04
C LEU B 101 -8.03 -16.20 -16.48
N PRO B 102 -8.09 -16.54 -17.79
CA PRO B 102 -7.34 -17.69 -18.30
C PRO B 102 -5.85 -17.53 -18.02
N ASP B 103 -5.15 -18.65 -17.98
CA ASP B 103 -3.71 -18.63 -17.71
C ASP B 103 -2.95 -17.81 -18.75
N HIS B 104 -3.49 -17.68 -19.96
CA HIS B 104 -2.78 -16.92 -21.01
C HIS B 104 -3.10 -15.43 -21.04
N ILE B 105 -3.75 -14.92 -19.99
CA ILE B 105 -4.02 -13.48 -19.90
C ILE B 105 -3.31 -12.96 -18.65
N CYS B 106 -2.64 -11.83 -18.79
CA CYS B 106 -1.95 -11.20 -17.66
C CYS B 106 -2.93 -10.31 -16.90
N LYS B 107 -3.33 -10.75 -15.71
CA LYS B 107 -4.32 -10.04 -14.91
C LYS B 107 -3.95 -8.59 -14.65
N ASP B 108 -2.70 -8.37 -14.22
CA ASP B 108 -2.33 -7.02 -13.79
C ASP B 108 -2.48 -5.98 -14.92
N LEU B 109 -2.08 -6.34 -16.13
CA LEU B 109 -2.25 -5.46 -17.28
C LEU B 109 -3.72 -5.16 -17.64
N ILE B 110 -4.55 -6.20 -17.58
CA ILE B 110 -5.98 -6.02 -17.83
C ILE B 110 -6.59 -5.05 -16.80
N LEU B 111 -6.24 -5.27 -15.54
CA LEU B 111 -6.86 -4.48 -14.48
C LEU B 111 -6.43 -3.01 -14.54
N GLU B 112 -5.18 -2.76 -14.93
CA GLU B 112 -4.71 -1.39 -15.05
C GLU B 112 -5.36 -0.70 -16.27
N SER B 113 -5.91 -1.49 -17.21
CA SER B 113 -6.52 -0.87 -18.39
C SER B 113 -7.94 -0.35 -18.15
N ILE B 114 -8.58 -0.79 -17.06
CA ILE B 114 -9.89 -0.24 -16.69
C ILE B 114 -9.74 1.22 -16.25
N ILE B 115 -10.60 2.10 -16.77
CA ILE B 115 -10.49 3.50 -16.39
C ILE B 115 -10.73 3.61 -14.87
N SER B 116 -9.89 4.37 -14.19
CA SER B 116 -9.89 4.29 -12.72
C SER B 116 -11.20 4.81 -12.13
N SER B 117 -11.90 5.66 -12.89
CA SER B 117 -13.19 6.20 -12.45
C SER B 117 -14.34 5.20 -12.55
N LYS B 118 -14.08 4.03 -13.14
CA LYS B 118 -15.07 2.94 -13.24
C LYS B 118 -14.59 1.67 -12.55
N ASP B 119 -13.49 1.78 -11.81
CA ASP B 119 -12.82 0.61 -11.23
C ASP B 119 -13.47 0.20 -9.88
N VAL B 120 -14.65 -0.39 -9.99
CA VAL B 120 -15.42 -0.69 -8.79
C VAL B 120 -14.79 -1.76 -7.89
N ASP B 121 -13.85 -2.57 -8.41
CA ASP B 121 -13.09 -3.48 -7.55
C ASP B 121 -11.96 -2.77 -6.82
N GLY B 122 -11.65 -1.55 -7.22
CA GLY B 122 -10.53 -0.84 -6.58
C GLY B 122 -9.15 -1.45 -6.87
N PHE B 123 -9.01 -2.15 -7.98
CA PHE B 123 -7.75 -2.87 -8.25
C PHE B 123 -6.73 -2.03 -9.03
N HIS B 124 -7.18 -0.95 -9.67
CA HIS B 124 -6.27 -0.13 -10.48
C HIS B 124 -5.17 0.44 -9.62
N PRO B 125 -3.92 0.40 -10.10
CA PRO B 125 -2.80 0.93 -9.33
C PRO B 125 -3.03 2.32 -8.74
N ILE B 126 -3.69 3.22 -9.44
CA ILE B 126 -3.88 4.53 -8.83
C ILE B 126 -4.85 4.50 -7.65
N ASN B 127 -5.84 3.61 -7.72
CA ASN B 127 -6.76 3.44 -6.58
C ASN B 127 -6.09 2.75 -5.40
N VAL B 128 -5.19 1.82 -5.70
CA VAL B 128 -4.39 1.20 -4.66
C VAL B 128 -3.54 2.29 -3.99
N GLY B 129 -2.96 3.16 -4.81
CA GLY B 129 -2.12 4.24 -4.30
C GLY B 129 -2.89 5.22 -3.41
N TYR B 130 -4.07 5.64 -3.85
CA TYR B 130 -4.87 6.59 -3.07
C TYR B 130 -5.16 6.03 -1.69
N LEU B 131 -5.53 4.75 -1.63
CA LEU B 131 -5.85 4.11 -0.35
C LEU B 131 -4.62 4.04 0.54
N ASN B 132 -3.48 3.67 -0.04
CA ASN B 132 -2.25 3.58 0.76
C ASN B 132 -1.77 4.96 1.23
N LEU B 133 -2.14 6.02 0.52
CA LEU B 133 -1.83 7.38 0.96
C LEU B 133 -2.77 7.87 2.05
N GLY B 134 -3.79 7.08 2.34
N GLY B 134 -3.76 7.05 2.38
CA GLY B 134 -4.80 7.43 3.33
CA GLY B 134 -4.69 7.36 3.47
C GLY B 134 -5.80 8.47 2.81
C GLY B 134 -5.94 8.08 2.99
N LEU B 135 -6.13 8.36 1.53
N LEU B 135 -6.03 8.24 1.67
CA LEU B 135 -7.01 9.33 0.89
CA LEU B 135 -7.20 8.86 1.06
C LEU B 135 -8.32 8.69 0.44
C LEU B 135 -8.23 7.78 0.83
N GLU B 136 -9.28 9.54 0.10
N GLU B 136 -9.41 7.96 1.40
CA GLU B 136 -10.54 9.09 -0.47
CA GLU B 136 -10.39 6.90 1.29
C GLU B 136 -10.89 9.88 -1.73
C GLU B 136 -11.64 7.41 0.58
N SER B 137 -10.06 9.72 -2.76
N SER B 137 -11.41 8.33 -0.36
CA SER B 137 -10.37 10.24 -4.07
CA SER B 137 -12.38 8.69 -1.38
C SER B 137 -10.59 9.07 -5.01
C SER B 137 -11.73 8.53 -2.76
N GLY B 138 -10.64 7.87 -4.44
N GLY B 138 -11.88 7.32 -3.29
CA GLY B 138 -10.80 6.66 -5.23
CA GLY B 138 -11.34 6.82 -4.55
C GLY B 138 -11.85 5.66 -4.76
C GLY B 138 -11.95 5.44 -4.45
N PHE B 139 -11.73 4.48 -5.36
CA PHE B 139 -12.51 3.27 -5.12
C PHE B 139 -11.70 2.33 -4.24
N LEU B 140 -12.37 1.70 -3.27
CA LEU B 140 -11.72 0.82 -2.31
C LEU B 140 -12.11 -0.61 -2.65
N PRO B 141 -11.19 -1.58 -2.51
CA PRO B 141 -11.59 -2.96 -2.84
C PRO B 141 -12.74 -3.48 -2.00
N CYS B 142 -13.61 -4.22 -2.65
CA CYS B 142 -14.88 -4.62 -2.07
C CYS B 142 -14.80 -5.48 -0.83
N THR B 143 -13.89 -6.46 -0.81
CA THR B 143 -13.85 -7.37 0.34
C THR B 143 -13.39 -6.65 1.62
N PRO B 144 -12.22 -5.99 1.60
CA PRO B 144 -11.86 -5.32 2.86
C PRO B 144 -12.80 -4.16 3.20
N LEU B 145 -13.33 -3.46 2.19
CA LEU B 145 -14.26 -2.37 2.48
C LEU B 145 -15.50 -2.95 3.21
N GLY B 146 -15.97 -4.09 2.72
CA GLY B 146 -17.09 -4.78 3.34
C GLY B 146 -16.84 -5.18 4.79
N VAL B 147 -15.63 -5.62 5.07
CA VAL B 147 -15.23 -5.90 6.44
C VAL B 147 -15.27 -4.63 7.29
N MET B 148 -14.70 -3.53 6.79
CA MET B 148 -14.76 -2.29 7.56
C MET B 148 -16.19 -1.85 7.84
N LYS B 149 -17.07 -2.02 6.85
CA LYS B 149 -18.45 -1.59 7.05
C LYS B 149 -19.17 -2.46 8.05
N LEU B 150 -18.85 -3.75 8.04
CA LEU B 150 -19.42 -4.71 8.99
C LEU B 150 -18.98 -4.37 10.40
N LEU B 151 -17.69 -4.13 10.59
CA LEU B 151 -17.19 -3.73 11.90
C LEU B 151 -17.83 -2.42 12.41
N LYS B 152 -17.99 -1.46 11.51
CA LYS B 152 -18.57 -0.15 11.87
C LYS B 152 -20.05 -0.33 12.27
N ALA B 153 -20.76 -1.18 11.55
CA ALA B 153 -22.16 -1.45 11.89
C ALA B 153 -22.35 -2.00 13.31
N TYR B 154 -21.35 -2.72 13.81
CA TYR B 154 -21.40 -3.27 15.15
C TYR B 154 -20.71 -2.35 16.15
N GLU B 155 -20.37 -1.16 15.68
CA GLU B 155 -19.84 -0.08 16.52
C GLU B 155 -18.55 -0.50 17.20
N ILE B 156 -17.72 -1.23 16.45
CA ILE B 156 -16.44 -1.69 16.95
C ILE B 156 -15.38 -0.62 16.72
N ASP B 157 -14.79 -0.13 17.81
CA ASP B 157 -13.79 0.94 17.73
C ASP B 157 -12.44 0.33 17.39
N LEU B 158 -11.82 0.82 16.33
CA LEU B 158 -10.58 0.21 15.83
C LEU B 158 -9.34 0.94 16.32
N GLU B 159 -9.49 2.15 16.82
CA GLU B 159 -8.31 2.95 17.16
C GLU B 159 -7.52 2.28 18.28
N GLY B 160 -6.21 2.12 18.07
CA GLY B 160 -5.37 1.52 19.08
C GLY B 160 -5.45 0.00 19.17
N LYS B 161 -6.34 -0.63 18.40
CA LYS B 161 -6.47 -2.08 18.47
C LYS B 161 -5.27 -2.78 17.84
N ASP B 162 -4.91 -3.94 18.41
CA ASP B 162 -3.89 -4.79 17.80
C ASP B 162 -4.57 -5.72 16.80
N ALA B 163 -4.32 -5.48 15.51
CA ALA B 163 -4.97 -6.26 14.46
C ALA B 163 -3.96 -7.12 13.73
N VAL B 164 -4.40 -8.33 13.36
CA VAL B 164 -3.59 -9.25 12.58
C VAL B 164 -4.37 -9.65 11.34
N ILE B 165 -3.73 -9.54 10.19
CA ILE B 165 -4.30 -9.96 8.94
C ILE B 165 -3.46 -11.17 8.47
N ILE B 166 -4.10 -12.32 8.24
CA ILE B 166 -3.38 -13.48 7.73
C ILE B 166 -3.68 -13.65 6.27
N GLY B 167 -2.65 -13.48 5.43
CA GLY B 167 -2.78 -13.52 3.97
C GLY B 167 -2.44 -12.12 3.49
N ALA B 168 -1.61 -12.03 2.45
CA ALA B 168 -1.14 -10.71 2.01
C ALA B 168 -1.48 -10.49 0.55
N SER B 169 -2.68 -10.87 0.16
CA SER B 169 -3.09 -10.75 -1.24
C SER B 169 -3.39 -9.29 -1.61
N ASN B 170 -3.35 -9.00 -2.91
CA ASN B 170 -3.82 -7.68 -3.36
C ASN B 170 -5.31 -7.54 -3.27
N ILE B 171 -6.02 -8.67 -3.44
N ILE B 171 -6.04 -8.64 -3.40
CA ILE B 171 -7.49 -8.62 -3.43
CA ILE B 171 -7.48 -8.53 -3.44
C ILE B 171 -8.05 -8.34 -2.04
C ILE B 171 -8.06 -8.33 -2.04
N VAL B 172 -7.40 -8.89 -1.01
CA VAL B 172 -7.91 -8.72 0.36
C VAL B 172 -6.88 -8.26 1.37
N GLY B 173 -5.84 -9.06 1.57
CA GLY B 173 -4.98 -8.84 2.72
C GLY B 173 -4.29 -7.48 2.80
N ARG B 174 -3.66 -7.07 1.71
CA ARG B 174 -2.95 -5.79 1.71
C ARG B 174 -3.89 -4.58 1.92
N PRO B 175 -4.95 -4.47 1.11
CA PRO B 175 -5.85 -3.33 1.36
C PRO B 175 -6.54 -3.41 2.73
N MET B 176 -6.79 -4.62 3.23
CA MET B 176 -7.43 -4.75 4.55
C MET B 176 -6.51 -4.15 5.60
N ALA B 177 -5.22 -4.50 5.53
CA ALA B 177 -4.24 -3.97 6.48
C ALA B 177 -4.17 -2.46 6.39
N THR B 178 -4.20 -1.95 5.16
CA THR B 178 -4.12 -0.51 4.95
C THR B 178 -5.35 0.18 5.52
N MET B 179 -6.53 -0.41 5.31
CA MET B 179 -7.74 0.25 5.88
C MET B 179 -7.69 0.27 7.40
N LEU B 180 -7.19 -0.80 7.99
CA LEU B 180 -7.14 -0.85 9.46
C LEU B 180 -6.12 0.14 9.98
N LEU B 181 -4.99 0.26 9.29
CA LEU B 181 -3.96 1.22 9.69
C LEU B 181 -4.49 2.64 9.56
N ASN B 182 -5.23 2.91 8.48
CA ASN B 182 -5.87 4.21 8.31
C ASN B 182 -6.83 4.55 9.44
N ALA B 183 -7.44 3.50 10.00
CA ALA B 183 -8.41 3.62 11.08
C ALA B 183 -7.75 3.67 12.46
N GLY B 184 -6.42 3.57 12.47
CA GLY B 184 -5.65 3.84 13.67
C GLY B 184 -5.31 2.57 14.43
N ALA B 185 -5.60 1.42 13.84
CA ALA B 185 -5.15 0.16 14.44
C ALA B 185 -3.66 -0.05 14.25
N THR B 186 -3.06 -0.82 15.15
CA THR B 186 -1.70 -1.34 14.90
C THR B 186 -1.88 -2.63 14.09
N VAL B 187 -1.16 -2.76 12.97
CA VAL B 187 -1.42 -3.88 12.07
C VAL B 187 -0.22 -4.79 11.86
N SER B 188 -0.46 -6.10 11.90
CA SER B 188 0.57 -7.07 11.53
C SER B 188 0.03 -7.85 10.33
N VAL B 189 0.85 -8.05 9.33
CA VAL B 189 0.46 -8.82 8.14
C VAL B 189 1.33 -10.08 8.12
N CYS B 190 0.64 -11.22 8.27
CA CYS B 190 1.27 -12.50 8.36
C CYS B 190 0.89 -13.28 7.12
N HIS B 191 1.58 -14.39 6.89
CA HIS B 191 1.37 -15.17 5.66
C HIS B 191 2.11 -16.50 5.79
N ILE B 192 2.25 -17.22 4.68
CA ILE B 192 2.83 -18.56 4.72
C ILE B 192 4.31 -18.57 5.17
N LYS B 193 5.02 -17.46 5.01
CA LYS B 193 6.42 -17.42 5.43
C LYS B 193 6.60 -16.96 6.88
N THR B 194 5.51 -16.60 7.55
CA THR B 194 5.59 -16.21 8.97
C THR B 194 6.08 -17.37 9.82
N LYS B 195 7.05 -17.15 10.70
CA LYS B 195 7.64 -18.24 11.45
C LYS B 195 6.67 -18.85 12.45
N ASP B 196 5.89 -18.01 13.11
CA ASP B 196 4.98 -18.48 14.16
C ASP B 196 3.73 -17.59 14.16
N LEU B 197 2.66 -18.05 13.54
CA LEU B 197 1.46 -17.22 13.44
C LEU B 197 0.92 -16.92 14.84
N SER B 198 1.02 -17.90 15.74
CA SER B 198 0.43 -17.76 17.06
C SER B 198 1.05 -16.64 17.86
N LEU B 199 2.32 -16.34 17.60
CA LEU B 199 2.99 -15.21 18.26
C LEU B 199 2.18 -13.94 18.09
N TYR B 200 1.61 -13.76 16.88
CA TYR B 200 0.84 -12.58 16.55
C TYR B 200 -0.62 -12.71 16.98
N THR B 201 -1.22 -13.85 16.66
CA THR B 201 -2.64 -14.02 16.87
C THR B 201 -3.00 -14.08 18.35
N ARG B 202 -2.11 -14.63 19.18
CA ARG B 202 -2.43 -14.75 20.60
C ARG B 202 -2.56 -13.41 21.33
N GLN B 203 -2.03 -12.34 20.74
CA GLN B 203 -2.09 -11.01 21.34
C GLN B 203 -3.15 -10.15 20.65
N ALA B 204 -3.77 -10.66 19.58
CA ALA B 204 -4.64 -9.84 18.73
C ALA B 204 -6.00 -9.48 19.34
N ASP B 205 -6.41 -8.23 19.19
CA ASP B 205 -7.79 -7.81 19.48
C ASP B 205 -8.71 -8.13 18.31
N LEU B 206 -8.11 -8.20 17.11
CA LEU B 206 -8.85 -8.36 15.86
C LEU B 206 -8.00 -9.19 14.92
N ILE B 207 -8.61 -10.22 14.33
CA ILE B 207 -7.90 -11.07 13.36
C ILE B 207 -8.74 -11.16 12.11
N ILE B 208 -8.13 -10.86 10.97
CA ILE B 208 -8.77 -11.07 9.69
C ILE B 208 -8.04 -12.22 9.02
N VAL B 209 -8.77 -13.31 8.74
CA VAL B 209 -8.17 -14.46 8.13
C VAL B 209 -8.58 -14.58 6.69
N ALA B 210 -7.62 -14.44 5.79
CA ALA B 210 -7.86 -14.61 4.38
C ALA B 210 -6.69 -15.35 3.77
N ALA B 211 -6.52 -16.59 4.20
CA ALA B 211 -5.37 -17.39 3.84
C ALA B 211 -5.65 -18.63 2.99
N GLY B 212 -6.90 -18.98 2.79
CA GLY B 212 -7.23 -20.16 2.02
C GLY B 212 -6.78 -21.50 2.55
N CYS B 213 -7.12 -21.78 3.78
CA CYS B 213 -6.74 -23.03 4.41
C CYS B 213 -7.73 -23.33 5.51
N VAL B 214 -8.35 -24.49 5.44
CA VAL B 214 -9.32 -24.92 6.45
C VAL B 214 -8.67 -25.03 7.83
N ASN B 215 -9.38 -24.51 8.85
CA ASN B 215 -8.95 -24.60 10.25
C ASN B 215 -7.60 -23.96 10.49
N LEU B 216 -7.28 -22.94 9.71
CA LEU B 216 -6.00 -22.26 9.92
C LEU B 216 -5.99 -21.56 11.28
N LEU B 217 -7.09 -20.93 11.65
CA LEU B 217 -7.16 -20.25 12.94
C LEU B 217 -7.86 -21.14 13.96
N ARG B 218 -7.14 -21.52 15.00
N ARG B 218 -7.15 -21.52 15.02
CA ARG B 218 -7.62 -22.44 16.05
CA ARG B 218 -7.70 -22.43 16.03
C ARG B 218 -7.82 -21.72 17.38
C ARG B 218 -7.77 -21.75 17.39
N SER B 219 -8.53 -22.35 18.31
CA SER B 219 -8.81 -21.71 19.59
C SER B 219 -7.57 -21.42 20.43
N ASP B 220 -6.56 -22.29 20.36
CA ASP B 220 -5.35 -21.99 21.11
C ASP B 220 -4.48 -20.89 20.51
N MET B 221 -4.92 -20.30 19.40
CA MET B 221 -4.15 -19.26 18.74
C MET B 221 -4.68 -17.86 19.07
N VAL B 222 -5.78 -17.82 19.83
CA VAL B 222 -6.43 -16.54 20.14
C VAL B 222 -6.62 -16.33 21.64
N LYS B 223 -6.85 -15.08 22.01
CA LYS B 223 -7.17 -14.76 23.39
C LYS B 223 -8.66 -14.53 23.51
N GLU B 224 -9.17 -14.66 24.72
CA GLU B 224 -10.60 -14.45 24.94
C GLU B 224 -10.96 -13.01 24.61
N GLY B 225 -12.09 -12.83 23.94
CA GLY B 225 -12.58 -11.50 23.60
C GLY B 225 -12.19 -11.04 22.20
N VAL B 226 -11.42 -11.86 21.49
CA VAL B 226 -10.96 -11.49 20.15
C VAL B 226 -12.15 -11.27 19.21
N ILE B 227 -11.98 -10.39 18.24
CA ILE B 227 -12.92 -10.23 17.15
C ILE B 227 -12.33 -10.95 15.94
N VAL B 228 -13.10 -11.85 15.36
CA VAL B 228 -12.58 -12.69 14.28
C VAL B 228 -13.38 -12.51 12.99
N VAL B 229 -12.68 -12.19 11.90
CA VAL B 229 -13.31 -12.00 10.60
C VAL B 229 -12.73 -13.05 9.65
N ASP B 230 -13.60 -13.88 9.09
CA ASP B 230 -13.22 -15.03 8.27
C ASP B 230 -13.57 -14.80 6.81
N VAL B 231 -12.56 -14.53 5.99
CA VAL B 231 -12.77 -14.25 4.57
C VAL B 231 -12.73 -15.54 3.76
N GLY B 232 -12.38 -16.62 4.44
CA GLY B 232 -12.26 -17.88 3.73
C GLY B 232 -13.56 -18.43 3.16
N ILE B 233 -13.46 -19.08 1.99
CA ILE B 233 -14.57 -19.85 1.41
C ILE B 233 -13.94 -21.13 0.91
N ASN B 234 -14.07 -22.20 1.70
CA ASN B 234 -13.42 -23.46 1.37
C ASN B 234 -14.45 -24.55 1.28
N ARG B 235 -14.45 -25.29 0.19
CA ARG B 235 -15.37 -26.42 0.06
C ARG B 235 -14.70 -27.71 0.54
N LEU B 236 -15.29 -28.35 1.56
CA LEU B 236 -14.80 -29.66 2.01
C LEU B 236 -15.11 -30.76 1.02
N GLU B 237 -14.47 -31.92 1.18
CA GLU B 237 -14.79 -33.07 0.33
C GLU B 237 -16.28 -33.40 0.36
N SER B 238 -16.92 -33.20 1.51
CA SER B 238 -18.35 -33.47 1.65
C SER B 238 -19.21 -32.45 0.91
N GLY B 239 -18.60 -31.34 0.51
CA GLY B 239 -19.32 -30.27 -0.16
C GLY B 239 -19.70 -29.16 0.80
N LYS B 240 -19.45 -29.37 2.08
CA LYS B 240 -19.75 -28.34 3.09
C LYS B 240 -18.83 -27.15 2.89
N ILE B 241 -19.40 -25.94 2.93
CA ILE B 241 -18.59 -24.73 2.88
C ILE B 241 -18.20 -24.27 4.28
N VAL B 242 -16.90 -24.04 4.47
CA VAL B 242 -16.38 -23.48 5.72
C VAL B 242 -15.41 -22.35 5.39
N GLY B 243 -15.01 -21.62 6.41
CA GLY B 243 -14.03 -20.58 6.24
C GLY B 243 -12.63 -21.07 6.53
N ASP B 244 -11.76 -20.12 6.84
CA ASP B 244 -10.40 -20.47 7.26
C ASP B 244 -10.30 -20.64 8.78
N VAL B 245 -11.38 -20.38 9.48
CA VAL B 245 -11.37 -20.41 10.94
C VAL B 245 -12.04 -21.69 11.43
N ASP B 246 -11.51 -22.29 12.49
CA ASP B 246 -12.22 -23.37 13.20
C ASP B 246 -13.35 -22.73 13.98
N PHE B 247 -14.49 -22.53 13.33
CA PHE B 247 -15.56 -21.71 13.91
C PHE B 247 -16.09 -22.24 15.24
N GLU B 248 -16.33 -23.55 15.29
CA GLU B 248 -16.94 -24.14 16.49
C GLU B 248 -16.16 -23.80 17.77
N GLU B 249 -14.84 -23.89 17.71
CA GLU B 249 -14.02 -23.65 18.89
C GLU B 249 -13.64 -22.20 19.08
N VAL B 250 -13.28 -21.52 17.98
CA VAL B 250 -12.86 -20.13 18.08
C VAL B 250 -14.03 -19.24 18.47
N SER B 251 -15.22 -19.57 18.01
CA SER B 251 -16.38 -18.75 18.39
C SER B 251 -16.58 -18.71 19.91
N LYS B 252 -16.15 -19.75 20.61
CA LYS B 252 -16.32 -19.81 22.06
C LYS B 252 -15.49 -18.77 22.80
N LYS B 253 -14.44 -18.26 22.13
CA LYS B 253 -13.50 -17.34 22.75
C LYS B 253 -13.67 -15.94 22.19
N SER B 254 -14.58 -15.78 21.23
CA SER B 254 -14.68 -14.51 20.50
C SER B 254 -15.77 -13.59 21.05
N SER B 255 -15.48 -12.29 21.07
CA SER B 255 -16.53 -11.31 21.39
C SER B 255 -17.46 -11.13 20.19
N TYR B 256 -16.88 -11.06 19.00
CA TYR B 256 -17.62 -10.96 17.74
C TYR B 256 -16.95 -11.88 16.72
N ILE B 257 -17.73 -12.56 15.89
CA ILE B 257 -17.14 -13.43 14.89
C ILE B 257 -18.06 -13.55 13.66
N THR B 258 -17.48 -13.56 12.47
CA THR B 258 -18.29 -13.76 11.26
C THR B 258 -18.51 -15.25 11.00
N PRO B 259 -19.76 -15.67 10.76
CA PRO B 259 -19.97 -17.06 10.30
C PRO B 259 -19.58 -17.20 8.83
N VAL B 260 -19.36 -18.44 8.40
CA VAL B 260 -19.23 -18.79 6.98
C VAL B 260 -20.13 -19.98 6.74
N PRO B 261 -21.03 -19.89 5.76
CA PRO B 261 -21.36 -18.71 4.94
C PRO B 261 -22.08 -17.62 5.73
N GLY B 262 -22.33 -16.47 5.10
CA GLY B 262 -23.23 -15.47 5.66
C GLY B 262 -22.54 -14.33 6.40
N GLY B 263 -21.22 -14.25 6.29
CA GLY B 263 -20.45 -13.19 6.94
C GLY B 263 -19.89 -12.19 5.95
N VAL B 264 -18.63 -12.39 5.59
CA VAL B 264 -17.92 -11.52 4.65
C VAL B 264 -18.47 -11.61 3.21
N GLY B 265 -18.84 -12.82 2.80
CA GLY B 265 -19.31 -13.07 1.44
C GLY B 265 -20.38 -12.09 0.96
N PRO B 266 -21.51 -12.00 1.68
CA PRO B 266 -22.56 -11.06 1.28
C PRO B 266 -22.10 -9.62 1.30
N MET B 267 -21.15 -9.28 2.18
CA MET B 267 -20.69 -7.89 2.28
C MET B 267 -19.85 -7.49 1.09
N THR B 268 -19.13 -8.46 0.52
CA THR B 268 -18.29 -8.19 -0.64
C THR B 268 -19.19 -7.81 -1.81
N ILE B 269 -20.29 -8.53 -1.96
CA ILE B 269 -21.23 -8.22 -3.04
C ILE B 269 -21.88 -6.87 -2.76
N ALA B 270 -22.26 -6.64 -1.51
CA ALA B 270 -22.87 -5.35 -1.19
C ALA B 270 -21.94 -4.19 -1.56
N MET B 271 -20.64 -4.34 -1.36
CA MET B 271 -19.75 -3.22 -1.66
C MET B 271 -19.54 -3.04 -3.16
N LEU B 272 -19.60 -4.13 -3.93
CA LEU B 272 -19.57 -4.01 -5.38
C LEU B 272 -20.74 -3.13 -5.83
N LEU B 273 -21.92 -3.45 -5.30
CA LEU B 273 -23.12 -2.66 -5.59
C LEU B 273 -22.95 -1.20 -5.16
N GLU B 274 -22.48 -0.99 -3.94
CA GLU B 274 -22.33 0.36 -3.41
C GLU B 274 -21.30 1.16 -4.24
N ASN B 275 -20.20 0.52 -4.64
CA ASN B 275 -19.20 1.20 -5.44
C ASN B 275 -19.75 1.58 -6.81
N THR B 276 -20.64 0.76 -7.36
CA THR B 276 -21.22 1.05 -8.67
C THR B 276 -22.13 2.26 -8.53
N VAL B 277 -22.94 2.27 -7.47
CA VAL B 277 -23.83 3.41 -7.23
C VAL B 277 -23.03 4.69 -6.94
N LYS B 278 -21.89 4.54 -6.27
CA LYS B 278 -20.99 5.67 -6.03
C LYS B 278 -20.54 6.30 -7.34
N SER B 279 -20.16 5.47 -8.30
CA SER B 279 -19.74 6.00 -9.59
C SER B 279 -20.90 6.68 -10.29
N ALA B 280 -22.06 6.04 -10.24
CA ALA B 280 -23.22 6.64 -10.89
C ALA B 280 -23.57 8.01 -10.26
N LYS B 281 -23.49 8.12 -8.94
CA LYS B 281 -23.81 9.37 -8.26
C LYS B 281 -22.83 10.46 -8.65
N ASN B 282 -21.62 10.08 -9.00
CA ASN B 282 -20.62 11.05 -9.42
C ASN B 282 -21.02 11.77 -10.69
N ARG B 283 -21.96 11.19 -11.44
CA ARG B 283 -22.43 11.84 -12.68
C ARG B 283 -23.40 12.96 -12.39
N LEU B 284 -23.93 13.04 -11.17
CA LEU B 284 -24.83 14.16 -10.88
C LEU B 284 -24.09 15.51 -10.92
N ASN B 285 -24.77 16.51 -11.45
CA ASN B 285 -24.20 17.85 -11.62
C ASN B 285 -24.01 18.61 -10.31
#